data_1INW
#
_entry.id   1INW
#
_cell.length_a   122.080
_cell.length_b   141.670
_cell.length_c   141.870
_cell.angle_alpha   90.00
_cell.angle_beta   90.00
_cell.angle_gamma   90.00
#
_symmetry.space_group_name_H-M   'C 2 2 21'
#
loop_
_entity.id
_entity.type
_entity.pdbx_description
1 polymer 'INFLUENZA A SUBTYPE N2 NEURAMINIDASE'
2 branched alpha-D-mannopyranose-(1-3)-[alpha-D-mannopyranose-(1-6)]alpha-D-mannopyranose-(1-4)-2-acetamido-2-deoxy-beta-D-glucopyranose-(1-4)-2-acetamido-2-deoxy-beta-D-glucopyranose
3 non-polymer 2-acetamido-2-deoxy-beta-D-glucopyranose
4 non-polymer (1S)-4-acetamido-1,5-anhydro-2,4-dideoxy-1-phosphono-D-glycero-D-galacto-octitol
5 non-polymer 'CALCIUM ION'
6 water water
#
_entity_poly.entity_id   1
_entity_poly.type   'polypeptide(L)'
_entity_poly.pdbx_seq_one_letter_code
;VEYRNWSKPQCQITGFAPFSKDNSIRLSAGGDIWVTREPYVSCDPVKCYQFALGQGTTLDNKHSNDTVHDRIPHRTLLMN
ELGVPFHLGTRQVCIAWSSSSCHDGKAWLHVCITGDDKNATASFIYDGRLVDSIGSWSQNILRTQESECVCINGTCTVVM
TDGSASGRADTRILFIEEGKIVHISPLAGSAQHVEECSCYPRYPGVRCICRDNWKGSNRPVVDINMEDYSIDSSYVCSGL
VGDTPRNDDRSSNSNCRDPNNERGTQGVKGWAFDNGNDLWMGRTISKDLRSGYETFKVIGGWSTPNSKSQINRQVIVDSD
NRSGYSGIFSVEGKSCINRCFYVELIRGRKQETRVWWTSNSIVVFCGTSGTYGTGSWPDGANINFMPI
;
_entity_poly.pdbx_strand_id   A
#
# COMPACT_ATOMS: atom_id res chain seq x y z
N VAL A 1 12.96 11.85 -23.58
CA VAL A 1 12.45 11.52 -22.22
C VAL A 1 13.59 10.83 -21.46
N GLU A 2 13.90 11.36 -20.27
CA GLU A 2 14.99 10.81 -19.44
C GLU A 2 14.36 9.98 -18.33
N TYR A 3 15.15 9.09 -17.74
CA TYR A 3 14.64 8.26 -16.65
C TYR A 3 14.58 9.07 -15.36
N ARG A 4 13.61 8.76 -14.51
CA ARG A 4 13.46 9.42 -13.22
C ARG A 4 14.62 8.99 -12.34
N ASN A 5 15.28 9.92 -11.67
CA ASN A 5 16.36 9.53 -10.76
C ASN A 5 15.97 9.98 -9.36
N TRP A 6 14.85 10.69 -9.24
CA TRP A 6 14.34 11.16 -7.96
C TRP A 6 15.35 11.82 -7.00
N SER A 7 16.30 12.57 -7.53
CA SER A 7 17.29 13.20 -6.68
C SER A 7 16.96 14.63 -6.32
N LYS A 8 15.96 14.80 -5.45
CA LYS A 8 15.56 16.12 -4.97
C LYS A 8 15.26 15.91 -3.52
N PRO A 9 15.45 16.93 -2.69
CA PRO A 9 15.18 16.84 -1.27
C PRO A 9 13.73 16.47 -1.03
N GLN A 10 13.43 15.99 0.16
CA GLN A 10 12.06 15.65 0.47
C GLN A 10 11.43 16.95 0.97
N CYS A 11 10.34 17.37 0.37
CA CYS A 11 9.66 18.61 0.79
C CYS A 11 9.40 18.60 2.28
N GLN A 12 9.53 19.76 2.92
CA GLN A 12 9.24 19.85 4.34
C GLN A 12 7.72 19.83 4.45
N ILE A 13 7.16 18.96 5.27
CA ILE A 13 5.72 18.92 5.33
C ILE A 13 5.25 19.28 6.72
N THR A 14 4.05 19.84 6.77
CA THR A 14 3.37 20.32 7.96
C THR A 14 2.21 19.40 8.30
N GLY A 15 1.82 18.61 7.32
CA GLY A 15 0.70 17.71 7.51
C GLY A 15 0.22 17.45 6.11
N PHE A 16 -0.95 16.86 6.00
CA PHE A 16 -1.47 16.55 4.68
C PHE A 16 -2.77 17.30 4.44
N ALA A 17 -3.02 17.65 3.17
CA ALA A 17 -4.21 18.36 2.72
C ALA A 17 -5.02 17.43 1.82
N PRO A 18 -6.35 17.58 1.81
CA PRO A 18 -7.19 16.71 0.97
C PRO A 18 -6.78 16.77 -0.52
N PHE A 19 -6.90 15.65 -1.25
CA PHE A 19 -6.47 15.64 -2.64
C PHE A 19 -7.42 14.97 -3.64
N SER A 20 -8.06 13.87 -3.26
CA SER A 20 -9.00 13.19 -4.14
C SER A 20 -9.87 12.22 -3.37
N LYS A 21 -10.98 11.80 -3.97
CA LYS A 21 -11.92 10.87 -3.33
C LYS A 21 -12.71 10.38 -4.54
N ASP A 22 -13.06 9.10 -4.65
CA ASP A 22 -13.76 8.65 -5.86
C ASP A 22 -15.22 8.31 -5.67
N ASN A 23 -15.65 8.31 -4.41
CA ASN A 23 -17.06 8.02 -4.09
C ASN A 23 -17.63 6.80 -4.77
N SER A 24 -16.76 5.82 -5.00
CA SER A 24 -17.09 4.56 -5.63
C SER A 24 -18.37 3.84 -5.17
N ILE A 25 -18.47 3.56 -3.88
CA ILE A 25 -19.64 2.83 -3.34
C ILE A 25 -20.96 3.58 -3.44
N ARG A 26 -20.94 4.89 -3.22
CA ARG A 26 -22.16 5.69 -3.32
C ARG A 26 -22.69 5.56 -4.76
N LEU A 27 -21.83 5.79 -5.75
CA LEU A 27 -22.21 5.66 -7.16
C LEU A 27 -22.76 4.27 -7.51
N SER A 28 -22.16 3.21 -6.94
CA SER A 28 -22.58 1.81 -7.18
C SER A 28 -24.04 1.50 -6.90
N ALA A 29 -24.71 2.36 -6.16
CA ALA A 29 -26.12 2.10 -5.84
C ALA A 29 -26.99 2.62 -6.96
N GLY A 30 -26.36 3.30 -7.91
CA GLY A 30 -27.09 3.82 -9.05
C GLY A 30 -26.15 3.95 -10.24
N GLY A 31 -25.45 2.86 -10.55
CA GLY A 31 -24.48 2.86 -11.63
C GLY A 31 -23.74 1.53 -11.68
N ASP A 32 -23.05 1.29 -12.78
CA ASP A 32 -22.29 0.05 -12.96
C ASP A 32 -20.87 0.34 -12.60
N ILE A 33 -20.50 -0.02 -11.38
CA ILE A 33 -19.15 0.21 -10.87
C ILE A 33 -18.49 -1.11 -10.50
N TRP A 34 -17.22 -1.22 -10.83
CA TRP A 34 -16.43 -2.40 -10.54
C TRP A 34 -16.33 -2.73 -9.05
N VAL A 35 -16.28 -4.02 -8.69
CA VAL A 35 -16.11 -4.42 -7.28
C VAL A 35 -14.61 -4.53 -7.23
N THR A 36 -14.00 -3.94 -6.21
CA THR A 36 -12.55 -3.93 -6.12
C THR A 36 -12.09 -4.04 -4.67
N ARG A 37 -10.77 -4.05 -4.46
CA ARG A 37 -10.15 -4.08 -3.12
C ARG A 37 -8.66 -3.88 -3.38
N GLU A 38 -7.88 -3.63 -2.34
CA GLU A 38 -6.44 -3.40 -2.47
C GLU A 38 -6.14 -2.37 -3.54
N PRO A 39 -6.64 -1.13 -3.42
CA PRO A 39 -6.37 -0.11 -4.44
C PRO A 39 -5.08 0.59 -4.15
N TYR A 40 -4.67 1.53 -4.99
CA TYR A 40 -3.44 2.29 -4.76
C TYR A 40 -3.27 3.42 -5.77
N VAL A 41 -2.26 4.25 -5.66
CA VAL A 41 -2.12 5.28 -6.67
C VAL A 41 -0.68 5.48 -6.96
N SER A 42 -0.40 5.84 -8.20
CA SER A 42 0.97 6.04 -8.67
C SER A 42 0.86 7.05 -9.80
N CYS A 43 1.90 7.86 -9.98
CA CYS A 43 1.88 8.87 -11.00
C CYS A 43 3.09 8.82 -11.90
N ASP A 44 2.89 9.07 -13.19
CA ASP A 44 3.99 9.12 -14.11
C ASP A 44 4.43 10.58 -13.96
N PRO A 45 5.37 11.07 -14.75
CA PRO A 45 5.71 12.48 -14.48
C PRO A 45 4.76 13.56 -15.01
N VAL A 46 3.49 13.24 -15.21
CA VAL A 46 2.53 14.23 -15.71
C VAL A 46 1.18 14.16 -15.00
N LYS A 47 0.66 12.96 -14.76
CA LYS A 47 -0.59 12.85 -14.02
C LYS A 47 -0.64 11.59 -13.15
N CYS A 48 -1.54 11.58 -12.16
CA CYS A 48 -1.70 10.45 -11.26
C CYS A 48 -2.85 9.57 -11.61
N TYR A 49 -2.66 8.25 -11.50
CA TYR A 49 -3.70 7.26 -11.80
C TYR A 49 -4.05 6.51 -10.56
N GLN A 50 -5.21 5.87 -10.54
CA GLN A 50 -5.63 5.10 -9.40
C GLN A 50 -5.83 3.64 -9.82
N PHE A 51 -5.13 2.71 -9.17
CA PHE A 51 -5.25 1.30 -9.51
C PHE A 51 -6.07 0.57 -8.46
N ALA A 52 -6.46 -0.65 -8.77
CA ALA A 52 -7.21 -1.50 -7.84
C ALA A 52 -7.28 -2.87 -8.47
N LEU A 53 -7.54 -3.86 -7.64
CA LEU A 53 -7.66 -5.23 -8.09
C LEU A 53 -9.15 -5.45 -8.07
N GLY A 54 -9.75 -5.74 -9.23
CA GLY A 54 -11.18 -5.92 -9.28
C GLY A 54 -11.58 -7.34 -8.98
N GLN A 55 -12.86 -7.64 -8.98
CA GLN A 55 -13.34 -8.99 -8.70
C GLN A 55 -14.10 -9.53 -9.91
N GLY A 56 -13.69 -9.06 -11.09
CA GLY A 56 -14.30 -9.50 -12.33
C GLY A 56 -15.81 -9.37 -12.31
N THR A 57 -16.33 -8.31 -11.71
CA THR A 57 -17.78 -8.07 -11.68
C THR A 57 -18.11 -6.64 -11.17
N THR A 58 -19.31 -6.17 -11.50
CA THR A 58 -19.79 -4.87 -11.03
C THR A 58 -20.56 -5.20 -9.77
N LEU A 59 -20.96 -4.20 -9.00
CA LEU A 59 -21.65 -4.44 -7.75
C LEU A 59 -23.10 -4.90 -7.89
N ASP A 60 -23.87 -4.21 -8.71
CA ASP A 60 -25.27 -4.60 -8.91
C ASP A 60 -25.10 -5.67 -9.97
N ASN A 61 -24.81 -6.90 -9.53
CA ASN A 61 -24.55 -8.02 -10.43
C ASN A 61 -24.54 -9.23 -9.51
N LYS A 62 -25.32 -10.29 -9.78
CA LYS A 62 -25.35 -11.45 -8.90
C LYS A 62 -23.97 -12.03 -8.62
N HIS A 63 -23.04 -11.77 -9.53
CA HIS A 63 -21.67 -12.24 -9.42
C HIS A 63 -20.89 -11.58 -8.30
N SER A 64 -21.42 -10.53 -7.69
CA SER A 64 -20.70 -9.83 -6.61
C SER A 64 -20.72 -10.63 -5.31
N ASN A 65 -21.77 -11.41 -5.15
CA ASN A 65 -22.01 -12.25 -3.99
C ASN A 65 -20.76 -13.05 -3.63
N ASP A 66 -20.33 -12.96 -2.38
CA ASP A 66 -19.17 -13.72 -1.91
C ASP A 66 -17.82 -13.22 -2.45
N THR A 67 -17.74 -11.92 -2.74
CA THR A 67 -16.49 -11.35 -3.22
C THR A 67 -15.52 -11.10 -2.09
N VAL A 68 -15.76 -11.73 -0.94
CA VAL A 68 -14.86 -11.60 0.19
C VAL A 68 -13.55 -12.29 -0.13
N HIS A 69 -13.58 -13.25 -1.05
CA HIS A 69 -12.38 -14.01 -1.40
C HIS A 69 -11.34 -13.21 -2.14
N ASP A 70 -10.11 -13.38 -1.69
CA ASP A 70 -8.99 -12.64 -2.24
C ASP A 70 -8.37 -13.12 -3.53
N ARG A 71 -8.52 -14.39 -3.84
CA ARG A 71 -7.87 -14.88 -5.04
C ARG A 71 -8.70 -15.79 -5.94
N ILE A 72 -9.15 -15.25 -7.07
CA ILE A 72 -9.92 -16.00 -8.05
C ILE A 72 -9.30 -15.66 -9.42
N PRO A 73 -9.45 -16.54 -10.41
CA PRO A 73 -8.83 -16.22 -11.71
C PRO A 73 -9.33 -14.99 -12.45
N HIS A 74 -10.43 -14.44 -11.98
CA HIS A 74 -11.07 -13.29 -12.59
C HIS A 74 -10.63 -11.90 -12.12
N ARG A 75 -9.75 -11.81 -11.14
CA ARG A 75 -9.30 -10.51 -10.67
C ARG A 75 -8.28 -10.02 -11.68
N THR A 76 -8.37 -8.74 -12.04
CA THR A 76 -7.47 -8.11 -13.00
C THR A 76 -7.10 -6.76 -12.39
N LEU A 77 -6.00 -6.17 -12.80
CA LEU A 77 -5.57 -4.89 -12.26
C LEU A 77 -6.23 -3.76 -13.09
N LEU A 78 -7.09 -2.95 -12.46
CA LEU A 78 -7.75 -1.84 -13.15
C LEU A 78 -6.91 -0.61 -13.04
N MET A 79 -6.99 0.26 -14.04
CA MET A 79 -6.21 1.50 -14.04
C MET A 79 -6.96 2.68 -14.67
N ASN A 80 -7.19 3.74 -13.90
CA ASN A 80 -7.86 4.94 -14.43
C ASN A 80 -7.10 6.17 -13.97
N GLU A 81 -7.47 7.32 -14.50
CA GLU A 81 -6.82 8.54 -14.07
C GLU A 81 -7.37 8.78 -12.68
N LEU A 82 -6.59 9.38 -11.78
CA LEU A 82 -7.04 9.59 -10.40
C LEU A 82 -8.30 10.42 -10.40
N GLY A 83 -9.36 9.87 -9.82
CA GLY A 83 -10.59 10.63 -9.74
C GLY A 83 -11.68 10.03 -10.57
N VAL A 84 -11.38 9.34 -11.66
CA VAL A 84 -12.47 8.76 -12.42
C VAL A 84 -12.76 7.38 -11.85
N PRO A 85 -13.97 7.16 -11.35
CA PRO A 85 -14.38 5.90 -10.75
C PRO A 85 -14.27 4.69 -11.70
N PHE A 86 -14.17 3.48 -11.14
CA PHE A 86 -14.05 2.28 -11.96
C PHE A 86 -15.37 1.86 -12.55
N HIS A 87 -15.66 2.47 -13.69
CA HIS A 87 -16.86 2.22 -14.48
C HIS A 87 -16.46 1.21 -15.60
N LEU A 88 -17.42 0.83 -16.44
CA LEU A 88 -17.21 -0.15 -17.51
C LEU A 88 -16.20 0.15 -18.57
N GLY A 89 -15.76 1.39 -18.68
CA GLY A 89 -14.78 1.72 -19.67
C GLY A 89 -13.38 1.69 -19.12
N THR A 90 -13.23 1.17 -17.91
CA THR A 90 -11.90 1.10 -17.30
C THR A 90 -11.06 -0.02 -17.94
N ARG A 91 -9.78 0.23 -18.16
CA ARG A 91 -8.89 -0.78 -18.72
C ARG A 91 -8.38 -1.76 -17.71
N GLN A 92 -8.51 -3.06 -18.01
CA GLN A 92 -7.98 -4.11 -17.14
C GLN A 92 -6.56 -4.32 -17.69
N VAL A 93 -5.54 -3.99 -16.92
CA VAL A 93 -4.18 -4.05 -17.41
C VAL A 93 -3.50 -5.41 -17.47
N CYS A 94 -3.91 -6.33 -16.60
CA CYS A 94 -3.29 -7.64 -16.60
C CYS A 94 -4.10 -8.54 -15.70
N ILE A 95 -3.79 -9.83 -15.66
CA ILE A 95 -4.52 -10.72 -14.76
C ILE A 95 -3.70 -10.69 -13.46
N ALA A 96 -4.31 -10.40 -12.32
CA ALA A 96 -3.54 -10.29 -11.09
C ALA A 96 -4.39 -10.25 -9.85
N TRP A 97 -4.05 -11.05 -8.84
CA TRP A 97 -4.77 -11.01 -7.57
C TRP A 97 -3.88 -10.43 -6.50
N SER A 98 -2.76 -9.87 -6.95
CA SER A 98 -1.75 -9.19 -6.12
C SER A 98 -0.94 -8.43 -7.17
N SER A 99 -0.60 -7.16 -6.93
CA SER A 99 0.13 -6.39 -7.96
C SER A 99 0.95 -5.24 -7.43
N SER A 100 1.57 -4.52 -8.35
CA SER A 100 2.41 -3.36 -8.08
C SER A 100 2.82 -2.68 -9.41
N SER A 101 2.74 -1.35 -9.49
CA SER A 101 3.11 -0.63 -10.71
C SER A 101 3.91 0.61 -10.39
N CYS A 102 4.69 1.08 -11.35
CA CYS A 102 5.49 2.28 -11.21
C CYS A 102 5.88 2.72 -12.59
N HIS A 103 6.27 3.97 -12.73
CA HIS A 103 6.68 4.50 -14.00
C HIS A 103 8.14 4.86 -13.83
N ASP A 104 8.98 4.53 -14.79
CA ASP A 104 10.41 4.84 -14.69
C ASP A 104 10.82 6.12 -15.37
N GLY A 105 9.84 6.80 -15.93
CA GLY A 105 10.09 8.03 -16.66
C GLY A 105 9.76 7.88 -18.13
N LYS A 106 9.88 6.65 -18.64
CA LYS A 106 9.58 6.38 -20.04
C LYS A 106 8.41 5.43 -20.25
N ALA A 107 8.12 4.59 -19.26
CA ALA A 107 7.01 3.64 -19.41
C ALA A 107 6.61 3.06 -18.09
N TRP A 108 5.46 2.41 -18.05
CA TRP A 108 4.93 1.78 -16.85
C TRP A 108 5.43 0.37 -16.71
N LEU A 109 5.55 -0.11 -15.47
CA LEU A 109 5.96 -1.48 -15.20
C LEU A 109 4.80 -2.03 -14.39
N HIS A 110 4.34 -3.23 -14.67
CA HIS A 110 3.23 -3.78 -13.88
C HIS A 110 3.57 -5.20 -13.46
N VAL A 111 3.83 -5.48 -12.18
CA VAL A 111 4.08 -6.86 -11.83
C VAL A 111 2.71 -7.41 -11.44
N CYS A 112 2.26 -8.41 -12.20
CA CYS A 112 0.96 -9.04 -11.99
C CYS A 112 1.11 -10.51 -11.65
N ILE A 113 0.38 -10.95 -10.62
CA ILE A 113 0.43 -12.30 -10.12
C ILE A 113 -0.90 -13.02 -10.13
N THR A 114 -0.96 -14.18 -10.76
CA THR A 114 -2.19 -14.98 -10.75
C THR A 114 -1.71 -16.41 -10.75
N GLY A 115 -2.65 -17.34 -10.60
CA GLY A 115 -2.29 -18.73 -10.62
C GLY A 115 -2.84 -19.46 -9.42
N ASP A 116 -2.42 -20.71 -9.27
CA ASP A 116 -2.83 -21.55 -8.16
C ASP A 116 -1.98 -20.96 -7.02
N ASP A 117 -2.44 -21.08 -5.77
CA ASP A 117 -1.67 -20.54 -4.67
C ASP A 117 -0.33 -21.24 -4.58
N LYS A 118 -0.36 -22.56 -4.65
CA LYS A 118 0.85 -23.36 -4.54
C LYS A 118 1.81 -23.22 -5.71
N ASN A 119 1.38 -22.57 -6.78
CA ASN A 119 2.23 -22.47 -7.97
C ASN A 119 1.90 -21.22 -8.84
N ALA A 120 1.64 -20.09 -8.17
CA ALA A 120 1.32 -18.85 -8.89
C ALA A 120 2.48 -18.46 -9.78
N THR A 121 2.24 -17.47 -10.64
CA THR A 121 3.24 -16.97 -11.56
C THR A 121 3.05 -15.44 -11.62
N ALA A 122 4.15 -14.70 -11.77
CA ALA A 122 4.11 -13.25 -11.84
C ALA A 122 4.62 -12.82 -13.20
N SER A 123 3.88 -11.95 -13.89
CA SER A 123 4.29 -11.49 -15.21
C SER A 123 4.74 -10.08 -15.04
N PHE A 124 5.84 -9.75 -15.69
CA PHE A 124 6.36 -8.41 -15.63
C PHE A 124 6.09 -7.82 -17.00
N ILE A 125 5.07 -6.96 -17.04
CA ILE A 125 4.62 -6.27 -18.24
C ILE A 125 5.20 -4.84 -18.28
N TYR A 126 6.03 -4.52 -19.25
CA TYR A 126 6.61 -3.19 -19.34
C TYR A 126 6.35 -2.59 -20.70
N ASP A 127 5.83 -1.35 -20.71
CA ASP A 127 5.54 -0.63 -21.94
C ASP A 127 4.55 -1.37 -22.82
N GLY A 128 3.60 -2.03 -22.20
CA GLY A 128 2.58 -2.69 -22.98
C GLY A 128 2.83 -4.12 -23.38
N ARG A 129 4.07 -4.56 -23.32
CA ARG A 129 4.37 -5.91 -23.72
C ARG A 129 4.83 -6.76 -22.54
N LEU A 130 4.61 -8.07 -22.58
CA LEU A 130 5.02 -8.95 -21.51
C LEU A 130 6.49 -9.24 -21.74
N VAL A 131 7.33 -8.73 -20.85
CA VAL A 131 8.78 -8.89 -20.97
C VAL A 131 9.47 -10.01 -20.18
N ASP A 132 8.88 -10.48 -19.08
CA ASP A 132 9.51 -11.51 -18.25
C ASP A 132 8.51 -12.11 -17.24
N SER A 133 8.76 -13.33 -16.76
CA SER A 133 7.90 -13.94 -15.77
C SER A 133 8.77 -14.74 -14.79
N ILE A 134 8.18 -15.13 -13.67
CA ILE A 134 8.86 -15.91 -12.65
C ILE A 134 7.78 -16.73 -11.95
N GLY A 135 8.18 -17.85 -11.37
CA GLY A 135 7.21 -18.71 -10.70
C GLY A 135 7.43 -18.77 -9.20
N SER A 136 6.42 -19.25 -8.50
CA SER A 136 6.44 -19.36 -7.06
C SER A 136 7.69 -20.10 -6.63
N TRP A 137 8.39 -19.57 -5.61
CA TRP A 137 9.62 -20.21 -5.12
C TRP A 137 9.47 -20.88 -3.77
N SER A 138 8.27 -20.91 -3.23
CA SER A 138 8.02 -21.53 -1.95
C SER A 138 6.65 -22.13 -1.98
N GLN A 139 6.16 -22.39 -3.18
CA GLN A 139 4.84 -23.01 -3.37
C GLN A 139 3.76 -22.62 -2.37
N ASN A 140 3.80 -21.39 -1.87
CA ASN A 140 2.76 -21.00 -0.94
C ASN A 140 2.48 -19.53 -1.05
N ILE A 141 1.61 -19.18 -2.02
CA ILE A 141 1.13 -17.83 -2.33
C ILE A 141 2.13 -16.68 -2.58
N LEU A 142 2.62 -16.55 -3.80
CA LEU A 142 3.55 -15.50 -4.17
C LEU A 142 2.75 -14.21 -4.12
N ARG A 143 3.24 -13.24 -3.34
CA ARG A 143 2.54 -11.99 -3.18
C ARG A 143 3.51 -10.82 -3.24
N THR A 144 2.98 -9.62 -3.44
CA THR A 144 3.81 -8.43 -3.56
C THR A 144 3.15 -7.22 -2.89
N GLN A 145 3.77 -6.05 -3.09
CA GLN A 145 3.37 -4.80 -2.50
C GLN A 145 1.93 -4.33 -2.38
N GLU A 146 1.16 -4.40 -3.45
CA GLU A 146 -0.21 -3.88 -3.42
C GLU A 146 -0.18 -2.35 -3.39
N SER A 147 0.92 -1.77 -3.87
CA SER A 147 1.12 -0.33 -3.91
C SER A 147 2.24 -0.02 -4.91
N GLU A 148 2.60 1.23 -5.13
CA GLU A 148 3.61 1.49 -6.15
C GLU A 148 5.04 1.04 -5.90
N CYS A 149 5.71 0.64 -6.97
CA CYS A 149 7.12 0.24 -6.90
C CYS A 149 7.91 1.53 -7.14
N VAL A 150 9.22 1.45 -7.35
CA VAL A 150 9.98 2.67 -7.56
C VAL A 150 11.21 2.42 -8.39
N CYS A 151 11.53 3.36 -9.26
CA CYS A 151 12.65 3.24 -10.18
C CYS A 151 13.60 4.41 -10.10
N ILE A 152 14.88 4.12 -10.16
CA ILE A 152 15.90 5.16 -10.12
C ILE A 152 16.89 4.87 -11.24
N ASN A 153 16.99 5.77 -12.20
CA ASN A 153 17.92 5.61 -13.32
C ASN A 153 17.56 4.45 -14.23
N GLY A 154 16.30 4.06 -14.28
CA GLY A 154 15.95 2.96 -15.16
C GLY A 154 15.80 1.62 -14.50
N THR A 155 16.26 1.48 -13.25
CA THR A 155 16.11 0.23 -12.50
C THR A 155 14.98 0.31 -11.51
N CYS A 156 13.98 -0.55 -11.64
CA CYS A 156 12.85 -0.54 -10.71
C CYS A 156 13.01 -1.59 -9.63
N THR A 157 12.39 -1.41 -8.47
CA THR A 157 12.54 -2.39 -7.39
C THR A 157 11.16 -2.75 -6.93
N VAL A 158 10.91 -4.03 -6.68
CA VAL A 158 9.62 -4.50 -6.17
C VAL A 158 9.91 -5.60 -5.10
N VAL A 159 9.52 -5.43 -3.83
CA VAL A 159 9.77 -6.53 -2.90
C VAL A 159 8.61 -7.51 -2.99
N MET A 160 8.93 -8.80 -3.06
CA MET A 160 7.91 -9.86 -3.15
C MET A 160 8.17 -10.88 -2.05
N THR A 161 7.21 -11.78 -1.83
CA THR A 161 7.33 -12.78 -0.79
C THR A 161 6.47 -14.03 -1.07
N ASP A 162 7.05 -15.19 -0.78
CA ASP A 162 6.38 -16.49 -0.97
C ASP A 162 6.59 -17.20 0.35
N GLY A 163 5.59 -17.87 0.89
CA GLY A 163 5.82 -18.52 2.15
C GLY A 163 4.63 -18.54 3.06
N SER A 164 4.87 -18.63 4.37
CA SER A 164 3.76 -18.65 5.30
C SER A 164 3.33 -17.25 5.66
N ALA A 165 2.06 -17.10 6.01
CA ALA A 165 1.48 -15.81 6.38
C ALA A 165 1.89 -15.53 7.79
N SER A 166 1.57 -16.46 8.67
CA SER A 166 1.92 -16.33 10.06
C SER A 166 2.94 -17.42 10.36
N GLY A 167 4.12 -17.23 9.78
CA GLY A 167 5.22 -18.17 9.95
C GLY A 167 6.39 -17.61 9.17
N ARG A 168 7.56 -18.23 9.25
CA ARG A 168 8.72 -17.75 8.50
C ARG A 168 8.37 -17.85 7.00
N ALA A 169 8.97 -16.98 6.19
CA ALA A 169 8.69 -16.93 4.76
C ALA A 169 9.92 -16.47 3.99
N ASP A 170 9.84 -16.44 2.66
CA ASP A 170 10.97 -16.06 1.82
C ASP A 170 10.68 -14.80 1.05
N THR A 171 11.38 -13.74 1.43
CA THR A 171 11.20 -12.46 0.85
C THR A 171 12.41 -12.12 0.03
N ARG A 172 12.20 -11.79 -1.24
CA ARG A 172 13.28 -11.38 -2.11
C ARG A 172 12.93 -10.02 -2.72
N ILE A 173 13.96 -9.33 -3.22
CA ILE A 173 13.82 -8.03 -3.81
C ILE A 173 14.29 -8.13 -5.25
N LEU A 174 13.37 -8.12 -6.19
CA LEU A 174 13.77 -8.21 -7.59
C LEU A 174 14.12 -6.80 -8.05
N PHE A 175 15.12 -6.71 -8.93
CA PHE A 175 15.61 -5.49 -9.54
C PHE A 175 15.30 -5.66 -11.02
N ILE A 176 14.41 -4.83 -11.54
CA ILE A 176 14.00 -4.97 -12.92
C ILE A 176 14.18 -3.80 -13.85
N GLU A 177 14.86 -4.05 -14.96
CA GLU A 177 15.12 -3.00 -15.93
C GLU A 177 14.41 -3.27 -17.24
N GLU A 178 13.58 -2.31 -17.66
CA GLU A 178 12.82 -2.42 -18.88
C GLU A 178 11.98 -3.68 -18.92
N GLY A 179 11.52 -4.15 -17.76
CA GLY A 179 10.68 -5.35 -17.72
C GLY A 179 11.43 -6.64 -17.46
N LYS A 180 12.74 -6.59 -17.67
CA LYS A 180 13.63 -7.73 -17.50
C LYS A 180 14.23 -7.77 -16.10
N ILE A 181 14.14 -8.94 -15.45
CA ILE A 181 14.68 -9.13 -14.11
C ILE A 181 16.20 -9.20 -14.26
N VAL A 182 16.89 -8.20 -13.75
CA VAL A 182 18.34 -8.19 -13.88
C VAL A 182 19.07 -8.57 -12.60
N HIS A 183 18.33 -8.88 -11.54
CA HIS A 183 18.95 -9.28 -10.27
C HIS A 183 17.88 -9.57 -9.24
N ILE A 184 18.15 -10.49 -8.32
CA ILE A 184 17.22 -10.84 -7.24
C ILE A 184 18.03 -10.93 -5.96
N SER A 185 17.67 -10.13 -4.95
CA SER A 185 18.37 -10.12 -3.66
C SER A 185 17.47 -10.69 -2.57
N PRO A 186 18.03 -11.47 -1.63
CA PRO A 186 17.17 -12.00 -0.58
C PRO A 186 17.17 -11.04 0.60
N LEU A 187 16.09 -11.08 1.37
CA LEU A 187 15.94 -10.22 2.53
C LEU A 187 17.06 -10.48 3.49
N ALA A 188 17.59 -9.41 4.05
CA ALA A 188 18.67 -9.46 5.01
C ALA A 188 18.25 -8.58 6.19
N GLY A 189 19.11 -8.50 7.22
CA GLY A 189 18.79 -7.67 8.38
C GLY A 189 17.90 -8.43 9.34
N SER A 190 17.26 -7.70 10.26
CA SER A 190 16.46 -8.32 11.30
C SER A 190 14.94 -8.34 11.20
N ALA A 191 14.39 -8.17 10.01
CA ALA A 191 12.93 -8.18 9.90
C ALA A 191 12.41 -9.62 9.87
N GLN A 192 11.50 -9.98 10.76
CA GLN A 192 10.97 -11.34 10.79
C GLN A 192 10.02 -11.74 9.68
N HIS A 193 9.10 -10.85 9.37
CA HIS A 193 8.08 -11.10 8.34
C HIS A 193 7.95 -9.78 7.56
N VAL A 194 7.86 -9.88 6.24
CA VAL A 194 7.74 -8.73 5.37
C VAL A 194 6.68 -9.04 4.33
N GLU A 195 5.64 -8.22 4.33
CA GLU A 195 4.50 -8.31 3.42
C GLU A 195 4.03 -6.92 3.10
N GLU A 196 3.33 -6.78 1.98
CA GLU A 196 2.72 -5.53 1.54
C GLU A 196 3.53 -4.27 1.84
N CYS A 197 4.72 -4.17 1.27
CA CYS A 197 5.55 -3.01 1.51
C CYS A 197 5.08 -1.73 0.85
N SER A 198 5.29 -0.61 1.54
CA SER A 198 4.95 0.68 0.98
C SER A 198 6.29 1.37 0.84
N CYS A 199 6.84 1.32 -0.36
CA CYS A 199 8.16 1.87 -0.65
C CYS A 199 8.15 3.32 -1.21
N TYR A 200 9.29 4.00 -1.09
CA TYR A 200 9.43 5.37 -1.59
C TYR A 200 10.88 5.69 -1.88
N PRO A 201 11.15 6.56 -2.84
CA PRO A 201 12.57 6.86 -3.12
C PRO A 201 13.24 7.66 -2.01
N ARG A 202 14.54 7.53 -1.88
CA ARG A 202 15.32 8.26 -0.90
C ARG A 202 16.67 8.25 -1.53
N TYR A 203 16.80 8.93 -2.64
CA TYR A 203 18.06 8.96 -3.35
C TYR A 203 19.26 8.91 -2.39
N PRO A 204 20.19 7.95 -2.63
CA PRO A 204 20.17 6.98 -3.73
C PRO A 204 19.53 5.64 -3.45
N GLY A 205 18.74 5.55 -2.39
CA GLY A 205 18.13 4.28 -2.08
C GLY A 205 16.62 4.32 -2.22
N VAL A 206 15.99 3.30 -1.68
CA VAL A 206 14.55 3.17 -1.69
C VAL A 206 14.30 2.64 -0.28
N ARG A 207 13.24 3.07 0.39
CA ARG A 207 12.99 2.56 1.73
C ARG A 207 11.56 2.13 1.82
N CYS A 208 11.28 1.04 2.54
CA CYS A 208 9.92 0.54 2.65
C CYS A 208 9.51 0.28 4.08
N ILE A 209 8.21 0.47 4.36
CA ILE A 209 7.63 0.20 5.68
C ILE A 209 6.58 -0.85 5.31
N CYS A 210 6.76 -2.08 5.80
CA CYS A 210 5.91 -3.19 5.42
C CYS A 210 4.95 -3.68 6.46
N ARG A 211 4.48 -4.92 6.32
CA ARG A 211 3.53 -5.53 7.25
C ARG A 211 4.11 -6.83 7.80
N ASP A 212 4.07 -7.00 9.10
CA ASP A 212 4.54 -8.24 9.72
C ASP A 212 3.23 -8.90 10.17
N ASN A 213 2.89 -9.97 9.47
CA ASN A 213 1.68 -10.74 9.72
C ASN A 213 1.90 -11.84 10.75
N TRP A 214 3.10 -11.88 11.30
CA TRP A 214 3.47 -12.93 12.22
C TRP A 214 3.61 -12.52 13.68
N LYS A 215 4.78 -11.99 14.00
CA LYS A 215 5.12 -11.64 15.37
C LYS A 215 5.17 -10.17 15.80
N GLY A 216 4.79 -9.24 14.93
CA GLY A 216 4.88 -7.86 15.34
C GLY A 216 3.74 -6.93 14.98
N SER A 217 3.46 -6.00 15.91
CA SER A 217 2.45 -4.98 15.69
C SER A 217 3.23 -3.71 15.34
N ASN A 218 4.56 -3.75 15.45
CA ASN A 218 5.38 -2.62 15.01
C ASN A 218 5.70 -2.98 13.55
N ARG A 219 5.89 -2.00 12.68
CA ARG A 219 6.15 -2.25 11.27
C ARG A 219 7.63 -2.43 10.91
N PRO A 220 7.94 -3.40 10.01
CA PRO A 220 9.29 -3.71 9.56
C PRO A 220 9.74 -2.60 8.64
N VAL A 221 11.02 -2.52 8.38
CA VAL A 221 11.55 -1.51 7.50
C VAL A 221 12.51 -2.24 6.56
N VAL A 222 12.44 -1.96 5.27
CA VAL A 222 13.36 -2.59 4.32
C VAL A 222 14.12 -1.52 3.54
N ASP A 223 15.44 -1.46 3.70
CA ASP A 223 16.32 -0.49 3.01
C ASP A 223 17.00 -1.18 1.82
N ILE A 224 16.82 -0.64 0.62
CA ILE A 224 17.34 -1.23 -0.61
C ILE A 224 18.41 -0.34 -1.24
N ASN A 225 19.59 -0.90 -1.50
CA ASN A 225 20.70 -0.14 -2.07
C ASN A 225 20.72 -0.35 -3.58
N MET A 226 20.20 0.62 -4.31
CA MET A 226 20.12 0.53 -5.75
C MET A 226 21.46 0.35 -6.44
N GLU A 227 22.55 0.59 -5.72
CA GLU A 227 23.87 0.50 -6.32
C GLU A 227 24.50 -0.89 -6.28
N ASP A 228 24.50 -1.51 -5.12
CA ASP A 228 25.11 -2.82 -5.02
C ASP A 228 24.12 -3.93 -4.77
N TYR A 229 22.84 -3.58 -4.70
CA TYR A 229 21.77 -4.55 -4.48
C TYR A 229 21.70 -5.12 -3.07
N SER A 230 22.41 -4.50 -2.14
CA SER A 230 22.39 -4.95 -0.74
C SER A 230 21.11 -4.50 -0.04
N ILE A 231 20.63 -5.33 0.89
CA ILE A 231 19.40 -5.08 1.63
C ILE A 231 19.72 -5.01 3.13
N ASP A 232 18.85 -4.36 3.88
CA ASP A 232 19.00 -4.29 5.32
C ASP A 232 17.59 -4.13 5.79
N SER A 233 17.28 -4.63 6.98
CA SER A 233 15.92 -4.50 7.52
C SER A 233 15.95 -4.34 9.03
N SER A 234 14.92 -3.68 9.56
CA SER A 234 14.74 -3.38 10.98
C SER A 234 13.26 -3.21 11.19
N TYR A 235 12.87 -2.55 12.27
CA TYR A 235 11.46 -2.24 12.56
C TYR A 235 11.46 -0.77 12.88
N VAL A 236 10.32 -0.12 12.78
CA VAL A 236 10.31 1.31 13.06
C VAL A 236 10.46 1.50 14.56
N CYS A 237 11.29 2.46 14.96
CA CYS A 237 11.51 2.72 16.39
C CYS A 237 10.31 3.10 17.23
N SER A 238 9.47 3.96 16.70
CA SER A 238 8.30 4.44 17.43
C SER A 238 7.53 3.45 18.33
N GLY A 239 7.20 3.89 19.53
CA GLY A 239 6.46 3.09 20.47
C GLY A 239 4.99 3.27 20.19
N LEU A 240 4.67 4.23 19.32
CA LEU A 240 3.28 4.47 18.93
C LEU A 240 2.83 3.29 18.08
N VAL A 241 3.61 2.90 17.09
CA VAL A 241 3.25 1.67 16.39
C VAL A 241 2.07 1.71 15.44
N GLY A 242 2.31 1.28 14.20
CA GLY A 242 1.26 1.37 13.19
C GLY A 242 0.51 0.21 12.61
N ASP A 243 0.57 -0.96 13.21
CA ASP A 243 -0.15 -2.10 12.64
C ASP A 243 -1.45 -2.29 13.35
N THR A 244 -2.32 -3.14 12.80
CA THR A 244 -3.61 -3.46 13.44
C THR A 244 -3.76 -4.98 13.29
N PRO A 245 -4.05 -5.71 14.38
CA PRO A 245 -4.26 -5.28 15.76
C PRO A 245 -2.98 -4.83 16.41
N ARG A 246 -3.09 -4.05 17.47
CA ARG A 246 -1.92 -3.56 18.19
C ARG A 246 -2.30 -3.50 19.65
N ASN A 247 -1.35 -3.06 20.46
CA ASN A 247 -1.55 -3.03 21.89
C ASN A 247 -2.36 -1.98 22.58
N ASP A 248 -1.89 -0.74 22.54
CA ASP A 248 -2.54 0.38 23.26
C ASP A 248 -1.34 1.32 23.41
N ASP A 249 -1.48 2.58 23.02
CA ASP A 249 -0.33 3.48 23.10
C ASP A 249 0.42 3.38 24.42
N ARG A 250 -0.32 3.09 25.49
CA ARG A 250 0.24 2.97 26.83
C ARG A 250 1.17 1.77 26.95
N SER A 251 0.66 0.59 26.63
CA SER A 251 1.42 -0.66 26.72
C SER A 251 1.93 -1.22 25.39
N SER A 252 2.54 -0.40 24.55
CA SER A 252 3.00 -0.89 23.27
C SER A 252 4.43 -0.48 23.15
N ASN A 253 5.23 -1.29 22.45
CA ASN A 253 6.64 -1.00 22.36
C ASN A 253 7.27 -1.33 21.02
N SER A 254 8.52 -0.92 20.87
CA SER A 254 9.31 -1.21 19.70
C SER A 254 10.72 -0.82 20.05
N ASN A 255 11.68 -1.72 19.79
CA ASN A 255 13.05 -1.43 20.12
C ASN A 255 13.85 -1.09 18.89
N CYS A 256 13.16 -0.95 17.76
CA CYS A 256 13.74 -0.66 16.46
C CYS A 256 14.30 -1.92 15.84
N ARG A 257 14.49 -2.97 16.64
CA ARG A 257 15.11 -4.19 16.13
C ARG A 257 14.33 -5.46 15.97
N ASP A 258 13.30 -5.67 16.78
CA ASP A 258 12.60 -6.96 16.71
C ASP A 258 11.10 -6.86 16.81
N PRO A 259 10.40 -7.90 16.34
CA PRO A 259 8.93 -7.83 16.44
C PRO A 259 8.63 -7.69 17.92
N ASN A 260 7.73 -6.78 18.25
CA ASN A 260 7.40 -6.55 19.64
C ASN A 260 6.59 -7.67 20.26
N ASN A 261 6.16 -8.62 19.45
CA ASN A 261 5.39 -9.72 19.99
C ASN A 261 4.09 -9.31 20.68
N GLU A 262 3.67 -8.07 20.50
CA GLU A 262 2.43 -7.60 21.09
C GLU A 262 1.34 -7.69 20.04
N ARG A 263 0.37 -8.58 20.27
CA ARG A 263 -0.74 -8.78 19.35
C ARG A 263 -0.20 -8.84 17.91
N GLY A 264 0.93 -9.53 17.74
CA GLY A 264 1.59 -9.60 16.44
C GLY A 264 0.93 -10.23 15.24
N THR A 265 0.14 -11.27 15.47
CA THR A 265 -0.51 -11.99 14.39
C THR A 265 -1.51 -11.13 13.61
N GLN A 266 -1.44 -11.28 12.29
CA GLN A 266 -2.27 -10.53 11.36
C GLN A 266 -1.78 -9.10 11.21
N GLY A 267 -2.50 -8.32 10.43
CA GLY A 267 -2.07 -6.96 10.22
C GLY A 267 -2.91 -6.24 9.20
N VAL A 268 -2.29 -5.28 8.52
CA VAL A 268 -2.94 -4.47 7.50
C VAL A 268 -1.82 -3.66 6.84
N LYS A 269 -1.90 -3.50 5.52
CA LYS A 269 -0.89 -2.77 4.79
C LYS A 269 -0.92 -1.36 5.29
N GLY A 270 0.23 -0.71 5.38
CA GLY A 270 0.25 0.66 5.82
C GLY A 270 1.55 1.31 5.41
N TRP A 271 1.75 2.56 5.83
CA TRP A 271 2.96 3.28 5.47
C TRP A 271 3.55 4.06 6.67
N ALA A 272 4.56 4.84 6.38
CA ALA A 272 5.26 5.68 7.32
C ALA A 272 6.43 6.18 6.52
N PHE A 273 7.06 7.25 6.98
CA PHE A 273 8.23 7.75 6.29
C PHE A 273 9.02 8.63 7.24
N ASP A 274 10.32 8.62 7.05
CA ASP A 274 11.22 9.38 7.89
C ASP A 274 11.42 10.85 7.56
N ASN A 275 11.77 11.61 8.59
CA ASN A 275 12.07 13.02 8.43
C ASN A 275 13.11 13.23 9.52
N GLY A 276 14.37 13.34 9.13
CA GLY A 276 15.43 13.48 10.12
C GLY A 276 15.31 12.37 11.17
N ASN A 277 14.96 12.73 12.40
CA ASN A 277 14.82 11.75 13.45
C ASN A 277 13.35 11.48 13.74
N ASP A 278 12.49 12.30 13.15
CA ASP A 278 11.07 12.15 13.36
C ASP A 278 10.49 11.25 12.28
N LEU A 279 9.26 10.81 12.52
CA LEU A 279 8.59 9.91 11.62
C LEU A 279 7.17 10.38 11.42
N TRP A 280 6.71 10.31 10.18
CA TRP A 280 5.33 10.63 9.82
C TRP A 280 4.66 9.30 9.59
N MET A 281 3.43 9.14 10.04
CA MET A 281 2.78 7.86 9.88
C MET A 281 1.29 7.98 10.04
N GLY A 282 0.57 6.93 9.67
CA GLY A 282 -0.86 6.93 9.83
C GLY A 282 -1.23 5.54 10.28
N ARG A 283 -2.47 5.33 10.71
CA ARG A 283 -2.86 4.00 11.16
C ARG A 283 -4.34 4.08 11.48
N THR A 284 -5.01 2.95 11.63
CA THR A 284 -6.42 2.96 11.96
C THR A 284 -6.56 3.61 13.34
N ILE A 285 -7.69 4.20 13.63
CA ILE A 285 -7.86 4.82 14.92
C ILE A 285 -8.11 3.70 15.94
N SER A 286 -8.82 2.67 15.53
CA SER A 286 -9.06 1.53 16.40
C SER A 286 -7.81 0.64 16.43
N LYS A 287 -7.69 -0.18 17.47
CA LYS A 287 -6.50 -1.04 17.62
C LYS A 287 -6.83 -2.48 17.32
N ASP A 288 -8.13 -2.78 17.34
CA ASP A 288 -8.61 -4.11 17.07
C ASP A 288 -9.13 -4.28 15.64
N LEU A 289 -9.88 -3.28 15.16
CA LEU A 289 -10.47 -3.32 13.82
C LEU A 289 -9.93 -2.29 12.87
N ARG A 290 -10.30 -2.43 11.61
CA ARG A 290 -9.88 -1.51 10.57
C ARG A 290 -10.89 -0.32 10.49
N SER A 291 -11.08 0.39 11.62
CA SER A 291 -12.00 1.53 11.67
C SER A 291 -11.26 2.80 11.97
N GLY A 292 -11.75 3.91 11.43
CA GLY A 292 -11.12 5.21 11.60
C GLY A 292 -9.74 5.26 10.99
N TYR A 293 -9.18 6.44 10.79
CA TYR A 293 -7.82 6.53 10.26
C TYR A 293 -7.28 7.86 10.68
N GLU A 294 -6.05 7.90 11.20
CA GLU A 294 -5.43 9.13 11.64
C GLU A 294 -3.97 9.17 11.18
N THR A 295 -3.35 10.34 11.24
CA THR A 295 -1.94 10.48 10.88
C THR A 295 -1.37 11.46 11.91
N PHE A 296 -0.06 11.45 12.14
CA PHE A 296 0.55 12.40 13.09
C PHE A 296 2.04 12.27 12.97
N LYS A 297 2.76 13.05 13.75
CA LYS A 297 4.21 12.99 13.73
C LYS A 297 4.71 12.56 15.09
N VAL A 298 5.66 11.63 15.09
CA VAL A 298 6.25 11.12 16.31
C VAL A 298 7.63 11.72 16.38
N ILE A 299 7.78 12.67 17.29
CA ILE A 299 9.04 13.33 17.49
C ILE A 299 10.06 12.23 17.84
N GLY A 300 11.18 12.23 17.13
CA GLY A 300 12.18 11.19 17.37
C GLY A 300 11.69 9.75 17.22
N GLY A 301 10.67 9.52 16.39
CA GLY A 301 10.11 8.18 16.21
C GLY A 301 10.82 7.34 15.17
N TRP A 302 11.89 7.88 14.63
CA TRP A 302 12.63 7.15 13.62
C TRP A 302 13.93 6.71 14.24
N SER A 303 14.53 7.61 15.00
CA SER A 303 15.80 7.36 15.63
C SER A 303 15.81 6.90 17.05
N THR A 304 14.79 7.18 17.84
CA THR A 304 14.89 6.71 19.21
C THR A 304 13.88 5.66 19.59
N PRO A 305 14.38 4.49 19.99
CA PRO A 305 13.53 3.39 20.39
C PRO A 305 12.39 3.83 21.27
N ASN A 306 11.23 3.25 21.05
CA ASN A 306 10.06 3.53 21.87
C ASN A 306 9.53 4.98 22.03
N SER A 307 10.00 5.94 21.24
CA SER A 307 9.50 7.32 21.40
C SER A 307 8.00 7.40 21.24
N LYS A 308 7.36 8.29 22.00
CA LYS A 308 5.92 8.44 21.91
C LYS A 308 5.46 9.90 21.92
N SER A 309 6.39 10.80 21.64
CA SER A 309 6.09 12.21 21.58
C SER A 309 5.39 12.50 20.25
N GLN A 310 4.06 12.48 20.30
CA GLN A 310 3.23 12.74 19.15
C GLN A 310 2.87 14.25 19.02
N ILE A 311 2.59 14.69 17.80
CA ILE A 311 2.22 16.07 17.50
C ILE A 311 1.74 16.15 16.03
N ASN A 312 1.06 17.24 15.67
CA ASN A 312 0.57 17.42 14.30
C ASN A 312 -0.41 16.35 13.83
N ARG A 313 -1.25 15.85 14.72
CA ARG A 313 -2.22 14.84 14.37
C ARG A 313 -3.33 15.38 13.48
N GLN A 314 -3.88 14.50 12.64
CA GLN A 314 -5.00 14.82 11.77
C GLN A 314 -5.81 13.56 11.70
N VAL A 315 -7.12 13.67 11.82
CA VAL A 315 -8.03 12.53 11.67
C VAL A 315 -8.48 12.56 10.20
N ILE A 316 -8.25 11.49 9.45
CA ILE A 316 -8.70 11.46 8.06
C ILE A 316 -10.08 10.84 8.02
N VAL A 317 -10.30 9.75 8.74
CA VAL A 317 -11.64 9.13 8.80
C VAL A 317 -11.93 8.97 10.31
N ASP A 318 -13.08 9.46 10.76
CA ASP A 318 -13.41 9.34 12.16
C ASP A 318 -13.49 7.90 12.63
N SER A 319 -13.34 7.72 13.93
CA SER A 319 -13.35 6.41 14.54
C SER A 319 -14.63 5.64 14.38
N ASP A 320 -15.65 6.23 13.76
CA ASP A 320 -16.90 5.48 13.61
C ASP A 320 -17.14 4.92 12.23
N ASN A 321 -16.18 5.14 11.32
CA ASN A 321 -16.32 4.68 9.95
C ASN A 321 -15.24 3.69 9.54
N ARG A 322 -15.54 2.84 8.57
CA ARG A 322 -14.58 1.85 8.12
C ARG A 322 -13.45 2.40 7.28
N SER A 323 -12.27 1.83 7.44
CA SER A 323 -11.12 2.21 6.62
C SER A 323 -10.56 0.87 6.09
N GLY A 324 -9.24 0.72 5.98
CA GLY A 324 -8.69 -0.54 5.52
C GLY A 324 -7.24 -0.32 5.19
N TYR A 325 -6.79 -0.93 4.10
CA TYR A 325 -5.40 -0.79 3.64
C TYR A 325 -5.06 0.67 3.41
N SER A 326 -3.79 0.97 3.18
CA SER A 326 -3.34 2.33 2.94
C SER A 326 -1.89 2.22 2.52
N GLY A 327 -1.37 3.20 1.82
CA GLY A 327 0.00 3.09 1.37
C GLY A 327 0.47 4.47 1.04
N ILE A 328 1.65 4.57 0.48
CA ILE A 328 2.24 5.84 0.16
C ILE A 328 2.60 5.97 -1.32
N PHE A 329 2.69 7.20 -1.81
CA PHE A 329 3.15 7.44 -3.18
C PHE A 329 3.87 8.78 -3.24
N SER A 330 4.86 8.89 -4.10
CA SER A 330 5.65 10.09 -4.21
C SER A 330 5.41 10.84 -5.52
N VAL A 331 5.43 12.17 -5.48
CA VAL A 331 5.24 12.97 -6.68
C VAL A 331 6.34 14.02 -6.73
N GLU A 332 6.97 14.17 -7.89
CA GLU A 332 8.05 15.14 -7.97
C GLU A 332 7.64 16.58 -8.17
N GLY A 333 7.92 17.40 -7.19
CA GLY A 333 7.60 18.81 -7.25
C GLY A 333 8.72 19.51 -8.00
N LYS A 334 8.68 20.83 -8.05
CA LYS A 334 9.68 21.62 -8.77
C LYS A 334 11.02 21.66 -8.08
N SER A 335 11.00 21.66 -6.75
CA SER A 335 12.23 21.73 -5.98
C SER A 335 12.48 20.56 -5.04
N CYS A 336 11.45 19.75 -4.81
CA CYS A 336 11.57 18.63 -3.90
C CYS A 336 10.56 17.55 -4.22
N ILE A 337 10.75 16.38 -3.63
CA ILE A 337 9.86 15.27 -3.86
C ILE A 337 8.97 15.12 -2.62
N ASN A 338 7.67 15.21 -2.84
CA ASN A 338 6.64 15.17 -1.78
C ASN A 338 6.07 13.78 -1.63
N ARG A 339 5.40 13.55 -0.50
CA ARG A 339 4.82 12.28 -0.15
C ARG A 339 3.33 12.44 0.08
N CYS A 340 2.56 11.47 -0.40
CA CYS A 340 1.10 11.47 -0.29
C CYS A 340 0.67 10.07 0.08
N PHE A 341 -0.62 9.87 0.33
CA PHE A 341 -1.10 8.54 0.67
C PHE A 341 -2.59 8.45 0.39
N TYR A 342 -3.08 7.24 0.22
CA TYR A 342 -4.48 6.97 -0.03
C TYR A 342 -4.87 6.03 1.08
N VAL A 343 -6.17 5.89 1.31
CA VAL A 343 -6.67 4.92 2.27
C VAL A 343 -7.94 4.30 1.74
N GLU A 344 -7.95 2.96 1.72
CA GLU A 344 -9.04 2.14 1.23
C GLU A 344 -10.14 2.15 2.24
N LEU A 345 -11.36 2.25 1.79
CA LEU A 345 -12.48 2.30 2.72
C LEU A 345 -13.36 1.13 2.44
N ILE A 346 -12.99 -0.02 2.96
CA ILE A 346 -13.74 -1.24 2.73
C ILE A 346 -15.16 -1.13 3.26
N ARG A 347 -16.09 -1.75 2.55
CA ARG A 347 -17.49 -1.75 2.95
C ARG A 347 -17.98 -3.11 2.57
N GLY A 348 -19.01 -3.57 3.26
CA GLY A 348 -19.58 -4.85 2.93
C GLY A 348 -19.25 -6.01 3.82
N ARG A 349 -19.34 -7.18 3.20
CA ARG A 349 -19.11 -8.44 3.87
C ARG A 349 -17.84 -8.52 4.64
N LYS A 350 -18.03 -9.14 5.80
CA LYS A 350 -17.08 -9.35 6.85
C LYS A 350 -17.87 -8.60 7.91
N GLN A 351 -17.56 -7.31 8.08
CA GLN A 351 -18.24 -6.47 9.08
C GLN A 351 -19.71 -6.23 8.78
N GLU A 352 -20.02 -5.78 7.57
CA GLU A 352 -21.40 -5.49 7.19
C GLU A 352 -22.03 -6.66 6.47
N THR A 353 -23.00 -7.27 7.13
CA THR A 353 -23.68 -8.45 6.60
C THR A 353 -25.01 -8.24 5.91
N ARG A 354 -25.40 -6.99 5.69
CA ARG A 354 -26.67 -6.77 5.01
C ARG A 354 -26.53 -7.18 3.56
N VAL A 355 -25.39 -6.84 2.97
CA VAL A 355 -25.11 -7.13 1.57
C VAL A 355 -24.21 -8.34 1.48
N TRP A 356 -24.10 -8.95 0.30
CA TRP A 356 -23.28 -10.15 0.17
C TRP A 356 -21.95 -10.00 -0.50
N TRP A 357 -21.63 -8.77 -0.93
CA TRP A 357 -20.36 -8.44 -1.60
C TRP A 357 -19.38 -7.74 -0.68
N THR A 358 -18.20 -7.41 -1.21
CA THR A 358 -17.18 -6.67 -0.47
C THR A 358 -16.44 -5.79 -1.49
N SER A 359 -16.36 -4.49 -1.20
CA SER A 359 -15.73 -3.57 -2.12
C SER A 359 -15.12 -2.43 -1.33
N ASN A 360 -14.64 -1.38 -2.00
CA ASN A 360 -14.03 -0.24 -1.32
C ASN A 360 -14.08 1.06 -2.14
N SER A 361 -13.85 2.20 -1.48
CA SER A 361 -13.73 3.48 -2.18
C SER A 361 -12.35 4.02 -1.76
N ILE A 362 -11.99 5.25 -2.07
CA ILE A 362 -10.66 5.73 -1.66
C ILE A 362 -10.75 7.20 -1.36
N VAL A 363 -9.77 7.69 -0.61
CA VAL A 363 -9.68 9.10 -0.27
C VAL A 363 -8.18 9.28 -0.27
N VAL A 364 -7.68 10.38 -0.81
CA VAL A 364 -6.23 10.55 -0.86
C VAL A 364 -5.73 11.94 -0.47
N PHE A 365 -4.69 11.99 0.36
CA PHE A 365 -4.12 13.24 0.84
C PHE A 365 -2.68 13.44 0.42
N CYS A 366 -2.25 14.68 0.42
CA CYS A 366 -0.84 14.96 0.09
C CYS A 366 -0.22 15.85 1.12
N GLY A 367 1.08 15.71 1.30
CA GLY A 367 1.76 16.55 2.26
C GLY A 367 1.71 17.99 1.80
N THR A 368 1.71 18.90 2.75
CA THR A 368 1.67 20.32 2.43
C THR A 368 2.60 20.99 3.39
N SER A 369 3.23 22.07 2.96
CA SER A 369 4.11 22.84 3.83
C SER A 369 3.32 24.09 4.25
N GLY A 370 2.08 24.17 3.81
CA GLY A 370 1.22 25.27 4.17
C GLY A 370 0.40 24.92 5.39
N THR A 371 -0.74 25.59 5.49
CA THR A 371 -1.69 25.49 6.57
C THR A 371 -2.81 24.57 6.17
N TYR A 372 -3.64 24.16 7.11
CA TYR A 372 -4.76 23.29 6.83
C TYR A 372 -5.75 23.32 7.96
N GLY A 373 -6.89 22.66 7.78
CA GLY A 373 -7.91 22.65 8.80
C GLY A 373 -8.17 21.30 9.41
N THR A 374 -9.45 21.00 9.59
CA THR A 374 -9.94 19.79 10.25
C THR A 374 -11.08 19.25 9.39
N GLY A 375 -11.43 17.98 9.62
CA GLY A 375 -12.52 17.34 8.90
C GLY A 375 -12.49 15.82 9.11
N SER A 376 -13.18 15.08 8.23
CA SER A 376 -13.29 13.62 8.23
C SER A 376 -13.95 13.32 6.90
N TRP A 377 -13.43 12.33 6.15
CA TRP A 377 -13.95 11.97 4.82
C TRP A 377 -14.09 10.47 4.64
N PRO A 378 -15.21 9.90 5.09
CA PRO A 378 -15.39 8.47 4.96
C PRO A 378 -16.04 8.06 3.64
N ASP A 379 -16.12 6.76 3.42
CA ASP A 379 -16.71 6.23 2.22
C ASP A 379 -17.99 6.99 1.87
N GLY A 380 -18.91 7.06 2.82
CA GLY A 380 -20.13 7.81 2.60
C GLY A 380 -21.41 7.07 2.23
N ALA A 381 -21.34 5.78 1.91
CA ALA A 381 -22.57 5.07 1.52
C ALA A 381 -23.41 4.61 2.68
N ASN A 382 -24.69 4.41 2.40
CA ASN A 382 -25.63 3.96 3.40
C ASN A 382 -25.92 2.53 3.01
N ILE A 383 -25.45 1.60 3.82
CA ILE A 383 -25.62 0.20 3.54
C ILE A 383 -27.07 -0.20 3.31
N ASN A 384 -28.00 0.61 3.80
CA ASN A 384 -29.42 0.31 3.63
C ASN A 384 -30.00 0.66 2.25
N PHE A 385 -29.24 1.43 1.46
CA PHE A 385 -29.67 1.82 0.11
C PHE A 385 -29.09 0.88 -0.93
N MET A 386 -28.00 0.22 -0.53
CA MET A 386 -27.24 -0.68 -1.38
C MET A 386 -27.89 -1.96 -1.88
N PRO A 387 -27.51 -2.38 -3.08
CA PRO A 387 -28.05 -3.61 -3.65
C PRO A 387 -27.57 -4.82 -2.83
N ILE A 388 -28.37 -5.88 -2.90
CA ILE A 388 -28.13 -7.17 -2.27
C ILE A 388 -28.78 -7.28 -0.92
#